data_9CCZ
#
_entry.id   9CCZ
#
_cell.length_a   106.220
_cell.length_b   106.220
_cell.length_c   53.620
_cell.angle_alpha   90.000
_cell.angle_beta   90.000
_cell.angle_gamma   120.000
#
_symmetry.space_group_name_H-M   'P 32 2 1'
#
loop_
_entity.id
_entity.type
_entity.pdbx_description
1 polymer 'UDP-2,3-diacylglucosamine hydrolase'
2 non-polymer 1-(5-{4-[6-chloro-4-(trifluoromethyl)pyridin-2-yl]piperazine-1-sulfonyl}-2,3-dihydro-1H-indol-1-yl)ethan-1-one
3 non-polymer DI(HYDROXYETHYL)ETHER
4 non-polymer 'MANGANESE (II) ION'
5 water water
#
_entity_poly.entity_id   1
_entity_poly.type   'polypeptide(L)'
_entity_poly.pdbx_seq_one_letter_code
;MATLFIADLHLQTEEPAITAGFLRFLQGEARQADALYILGDLFEAWIGDDDPNPLHQQIASAIKAVVDAGVPCYFIHGNR
DFLVGQRFARQSGMILLAEEERLDLYGREVLIMHGDTLCTDDQGYLAFRAKVHTPWIQRLFLALPLFIRHRIAARMRADS
KAANSSKSMEIMDVNPQAVVDAMERHHVQWLIHGHTHRPAVHELQANGQPAWRVVLGAWHSEGSMVKVTPDDVELIHFPF
LEENLYFQSHHHHHHHHHH
;
_entity_poly.pdbx_strand_id   A
#
# COMPACT_ATOMS: atom_id res chain seq x y z
N ALA A 2 -18.66 0.80 4.54
CA ALA A 2 -17.31 0.97 5.06
C ALA A 2 -16.30 1.04 3.92
N THR A 3 -15.24 1.83 4.12
CA THR A 3 -14.17 1.97 3.14
C THR A 3 -12.90 1.33 3.70
N LEU A 4 -12.22 0.55 2.88
CA LEU A 4 -11.07 -0.23 3.31
C LEU A 4 -9.78 0.36 2.78
N PHE A 5 -8.73 0.26 3.59
CA PHE A 5 -7.39 0.68 3.21
C PHE A 5 -6.42 -0.43 3.57
N ILE A 6 -5.55 -0.78 2.63
CA ILE A 6 -4.46 -1.73 2.85
C ILE A 6 -3.21 -1.14 2.22
N ALA A 7 -2.07 -1.73 2.55
CA ALA A 7 -0.78 -1.27 2.03
C ALA A 7 0.30 -2.27 2.44
N ASP A 8 1.45 -2.16 1.79
CA ASP A 8 2.67 -2.87 2.20
C ASP A 8 2.44 -4.37 2.24
N LEU A 9 1.77 -4.90 1.22
CA LEU A 9 1.67 -6.35 1.06
C LEU A 9 2.99 -6.95 0.57
N HIS A 10 3.75 -6.19 -0.21
CA HIS A 10 5.03 -6.65 -0.75
C HIS A 10 4.89 -8.04 -1.40
N LEU A 11 3.87 -8.19 -2.23
CA LEU A 11 3.63 -9.48 -2.88
C LEU A 11 4.83 -9.87 -3.74
N GLN A 12 5.13 -11.17 -3.73
CA GLN A 12 6.24 -11.74 -4.50
C GLN A 12 6.04 -13.25 -4.59
N THR A 13 6.48 -13.83 -5.70
CA THR A 13 6.28 -15.26 -5.94
C THR A 13 6.96 -16.12 -4.88
N GLU A 14 7.99 -15.62 -4.22
CA GLU A 14 8.64 -16.36 -3.14
C GLU A 14 7.85 -16.34 -1.84
N GLU A 15 6.74 -15.61 -1.77
CA GLU A 15 5.89 -15.54 -0.59
C GLU A 15 4.47 -15.87 -0.97
N PRO A 16 4.19 -17.14 -1.32
CA PRO A 16 2.84 -17.49 -1.79
C PRO A 16 1.78 -17.42 -0.70
N ALA A 17 2.15 -17.50 0.58
CA ALA A 17 1.15 -17.40 1.64
C ALA A 17 0.51 -16.01 1.68
N ILE A 18 1.33 -14.96 1.51
CA ILE A 18 0.78 -13.61 1.45
C ILE A 18 -0.16 -13.46 0.26
N THR A 19 0.24 -13.99 -0.89
CA THR A 19 -0.63 -13.97 -2.07
C THR A 19 -1.95 -14.68 -1.79
N ALA A 20 -1.89 -15.85 -1.16
CA ALA A 20 -3.11 -16.58 -0.83
C ALA A 20 -3.98 -15.78 0.14
N GLY A 21 -3.37 -15.11 1.11
CA GLY A 21 -4.14 -14.29 2.03
C GLY A 21 -4.78 -13.10 1.35
N PHE A 22 -4.10 -12.51 0.37
CA PHE A 22 -4.67 -11.37 -0.35
C PHE A 22 -5.83 -11.82 -1.22
N LEU A 23 -5.69 -12.96 -1.91
CA LEU A 23 -6.79 -13.47 -2.73
C LEU A 23 -8.02 -13.77 -1.88
N ARG A 24 -7.83 -14.35 -0.70
CA ARG A 24 -8.97 -14.60 0.18
C ARG A 24 -9.59 -13.29 0.65
N PHE A 25 -8.77 -12.29 0.96
CA PHE A 25 -9.28 -10.97 1.30
C PHE A 25 -10.11 -10.39 0.16
N LEU A 26 -9.62 -10.49 -1.07
CA LEU A 26 -10.33 -9.94 -2.22
C LEU A 26 -11.62 -10.69 -2.48
N GLN A 27 -11.64 -12.01 -2.24
CA GLN A 27 -12.82 -12.82 -2.48
C GLN A 27 -13.87 -12.66 -1.39
N GLY A 28 -13.49 -12.17 -0.22
CA GLY A 28 -14.43 -12.06 0.88
C GLY A 28 -14.69 -10.64 1.35
N GLU A 29 -13.81 -10.15 2.23
CA GLU A 29 -14.03 -8.85 2.87
C GLU A 29 -14.23 -7.74 1.85
N ALA A 30 -13.38 -7.68 0.82
CA ALA A 30 -13.39 -6.56 -0.11
C ALA A 30 -14.69 -6.47 -0.90
N ARG A 31 -15.39 -7.59 -1.10
CA ARG A 31 -16.62 -7.56 -1.88
C ARG A 31 -17.73 -6.78 -1.19
N GLN A 32 -17.65 -6.59 0.13
CA GLN A 32 -18.68 -5.88 0.88
C GLN A 32 -18.37 -4.41 1.08
N ALA A 33 -17.22 -3.93 0.61
CA ALA A 33 -16.80 -2.56 0.90
C ALA A 33 -17.42 -1.58 -0.09
N ASP A 34 -17.50 -0.31 0.34
CA ASP A 34 -17.86 0.75 -0.59
C ASP A 34 -16.73 1.08 -1.55
N ALA A 35 -15.49 0.91 -1.12
CA ALA A 35 -14.31 1.15 -1.94
C ALA A 35 -13.11 0.52 -1.26
N LEU A 36 -12.09 0.24 -2.07
CA LEU A 36 -10.84 -0.33 -1.59
C LEU A 36 -9.68 0.53 -2.06
N TYR A 37 -8.90 1.04 -1.13
CA TYR A 37 -7.71 1.83 -1.43
C TYR A 37 -6.47 1.03 -1.07
N ILE A 38 -5.54 0.94 -2.01
CA ILE A 38 -4.26 0.28 -1.79
C ILE A 38 -3.21 1.38 -1.81
N LEU A 39 -2.64 1.67 -0.64
CA LEU A 39 -1.74 2.81 -0.45
C LEU A 39 -0.27 2.44 -0.64
N GLY A 40 0.04 1.70 -1.70
CA GLY A 40 1.42 1.54 -2.11
C GLY A 40 2.06 0.28 -1.53
N ASP A 41 3.15 -0.14 -2.19
CA ASP A 41 3.87 -1.36 -1.86
C ASP A 41 2.94 -2.58 -1.92
N LEU A 42 2.06 -2.59 -2.92
CA LEU A 42 1.32 -3.82 -3.21
C LEU A 42 2.29 -4.94 -3.60
N PHE A 43 3.28 -4.62 -4.42
CA PHE A 43 4.28 -5.58 -4.85
C PHE A 43 5.65 -5.23 -4.26
N GLU A 44 6.45 -6.27 -4.01
CA GLU A 44 7.81 -6.06 -3.51
C GLU A 44 8.68 -5.35 -4.53
N ALA A 45 8.37 -5.52 -5.82
CA ALA A 45 9.17 -4.91 -6.88
C ALA A 45 8.29 -4.70 -8.11
N TRP A 46 8.70 -3.76 -8.95
CA TRP A 46 8.03 -3.53 -10.23
C TRP A 46 9.03 -2.90 -11.19
N ILE A 47 9.14 -3.46 -12.40
CA ILE A 47 10.05 -2.96 -13.42
C ILE A 47 9.32 -2.54 -14.68
N GLY A 48 8.01 -2.44 -14.64
CA GLY A 48 7.21 -2.06 -15.80
C GLY A 48 6.04 -3.00 -16.04
N ASP A 49 5.00 -2.46 -16.66
CA ASP A 49 3.76 -3.20 -16.89
C ASP A 49 3.88 -4.27 -17.96
N ASP A 50 4.95 -4.26 -18.76
CA ASP A 50 5.15 -5.30 -19.76
C ASP A 50 5.79 -6.56 -19.17
N ASP A 51 6.02 -6.59 -17.87
CA ASP A 51 6.60 -7.75 -17.21
C ASP A 51 5.63 -8.93 -17.28
N PRO A 52 6.02 -10.07 -17.86
CA PRO A 52 5.13 -11.22 -17.93
C PRO A 52 5.04 -12.04 -16.66
N ASN A 53 5.58 -11.56 -15.54
CA ASN A 53 5.50 -12.24 -14.26
C ASN A 53 4.06 -12.71 -14.02
N PRO A 54 3.83 -14.03 -13.90
CA PRO A 54 2.44 -14.51 -13.81
C PRO A 54 1.72 -14.00 -12.58
N LEU A 55 2.44 -13.71 -11.50
CA LEU A 55 1.81 -13.15 -10.31
C LEU A 55 1.07 -11.87 -10.64
N HIS A 56 1.65 -11.05 -11.53
CA HIS A 56 1.01 -9.77 -11.87
C HIS A 56 -0.36 -9.99 -12.50
N GLN A 57 -0.50 -10.98 -13.38
CA GLN A 57 -1.79 -11.22 -14.01
C GLN A 57 -2.77 -11.87 -13.04
N GLN A 58 -2.28 -12.72 -12.15
CA GLN A 58 -3.15 -13.32 -11.15
C GLN A 58 -3.72 -12.27 -10.21
N ILE A 59 -2.87 -11.33 -9.78
CA ILE A 59 -3.35 -10.24 -8.93
C ILE A 59 -4.28 -9.33 -9.71
N ALA A 60 -3.92 -9.00 -10.96
CA ALA A 60 -4.78 -8.14 -11.78
C ALA A 60 -6.17 -8.74 -11.93
N SER A 61 -6.26 -10.04 -12.21
CA SER A 61 -7.57 -10.67 -12.40
C SER A 61 -8.38 -10.67 -11.12
N ALA A 62 -7.72 -10.88 -9.97
CA ALA A 62 -8.45 -10.92 -8.71
C ALA A 62 -8.98 -9.55 -8.33
N ILE A 63 -8.16 -8.50 -8.52
CA ILE A 63 -8.64 -7.15 -8.25
C ILE A 63 -9.75 -6.78 -9.23
N LYS A 64 -9.61 -7.17 -10.49
CA LYS A 64 -10.65 -6.86 -11.48
C LYS A 64 -11.98 -7.50 -11.12
N ALA A 65 -11.95 -8.69 -10.50
CA ALA A 65 -13.19 -9.31 -10.06
C ALA A 65 -13.86 -8.52 -8.94
N VAL A 66 -13.07 -7.85 -8.11
CA VAL A 66 -13.64 -6.97 -7.09
C VAL A 66 -14.26 -5.74 -7.74
N VAL A 67 -13.56 -5.16 -8.71
CA VAL A 67 -14.08 -4.00 -9.43
C VAL A 67 -15.37 -4.36 -10.16
N ASP A 68 -15.39 -5.53 -10.82
CA ASP A 68 -16.59 -5.96 -11.54
C ASP A 68 -17.75 -6.22 -10.59
N ALA A 69 -17.45 -6.56 -9.33
CA ALA A 69 -18.48 -6.78 -8.32
C ALA A 69 -19.02 -5.48 -7.73
N GLY A 70 -18.65 -4.34 -8.28
CA GLY A 70 -19.19 -3.06 -7.86
C GLY A 70 -18.36 -2.30 -6.85
N VAL A 71 -17.14 -2.74 -6.55
CA VAL A 71 -16.31 -2.08 -5.56
C VAL A 71 -15.16 -1.35 -6.25
N PRO A 72 -15.23 -0.02 -6.38
CA PRO A 72 -14.11 0.70 -6.99
C PRO A 72 -12.83 0.54 -6.18
N CYS A 73 -11.72 0.33 -6.89
CA CYS A 73 -10.43 0.09 -6.29
C CYS A 73 -9.44 1.15 -6.73
N TYR A 74 -8.65 1.67 -5.78
CA TYR A 74 -7.73 2.76 -6.06
C TYR A 74 -6.33 2.38 -5.62
N PHE A 75 -5.34 3.02 -6.22
CA PHE A 75 -3.94 2.71 -5.96
C PHE A 75 -3.13 4.00 -5.89
N ILE A 76 -2.41 4.17 -4.79
CA ILE A 76 -1.36 5.16 -4.65
C ILE A 76 -0.03 4.41 -4.66
N HIS A 77 0.94 4.92 -5.40
CA HIS A 77 2.22 4.22 -5.53
C HIS A 77 2.98 4.20 -4.21
N GLY A 78 3.71 3.11 -3.99
CA GLY A 78 4.67 3.01 -2.92
C GLY A 78 6.09 3.22 -3.42
N ASN A 79 7.05 3.05 -2.50
CA ASN A 79 8.44 3.17 -2.90
C ASN A 79 8.95 1.95 -3.64
N ARG A 80 8.30 0.80 -3.49
CA ARG A 80 8.71 -0.40 -4.20
C ARG A 80 8.09 -0.49 -5.59
N ASP A 81 6.84 -0.08 -5.76
CA ASP A 81 6.10 -0.30 -7.00
C ASP A 81 5.71 1.02 -7.66
N PHE A 82 6.62 1.99 -7.67
CA PHE A 82 6.34 3.28 -8.29
C PHE A 82 6.23 3.19 -9.82
N LEU A 83 6.64 2.10 -10.43
CA LEU A 83 6.52 1.96 -11.88
C LEU A 83 5.20 1.33 -12.33
N VAL A 84 4.28 1.04 -11.40
CA VAL A 84 2.98 0.55 -11.82
C VAL A 84 2.30 1.62 -12.66
N GLY A 85 1.88 1.25 -13.86
CA GLY A 85 1.36 2.24 -14.80
C GLY A 85 -0.06 1.97 -15.26
N GLN A 86 -0.46 2.66 -16.34
CA GLN A 86 -1.84 2.64 -16.79
C GLN A 86 -2.22 1.31 -17.45
N ARG A 87 -1.25 0.58 -18.00
CA ARG A 87 -1.54 -0.74 -18.54
C ARG A 87 -2.00 -1.68 -17.45
N PHE A 88 -1.26 -1.74 -16.32
CA PHE A 88 -1.69 -2.59 -15.22
C PHE A 88 -2.98 -2.07 -14.59
N ALA A 89 -3.18 -0.75 -14.59
CA ALA A 89 -4.43 -0.20 -14.09
C ALA A 89 -5.62 -0.70 -14.91
N ARG A 90 -5.47 -0.70 -16.23
CA ARG A 90 -6.53 -1.21 -17.11
C ARG A 90 -6.75 -2.70 -16.89
N GLN A 91 -5.67 -3.47 -16.77
CA GLN A 91 -5.80 -4.91 -16.55
C GLN A 91 -6.51 -5.21 -15.24
N SER A 92 -6.23 -4.43 -14.20
CA SER A 92 -6.78 -4.68 -12.87
C SER A 92 -8.10 -3.94 -12.62
N GLY A 93 -8.44 -2.96 -13.44
CA GLY A 93 -9.57 -2.11 -13.12
C GLY A 93 -9.32 -1.10 -12.03
N MET A 94 -8.08 -0.96 -11.55
CA MET A 94 -7.77 0.02 -10.53
C MET A 94 -7.62 1.41 -11.13
N ILE A 95 -7.93 2.42 -10.33
CA ILE A 95 -7.73 3.82 -10.69
C ILE A 95 -6.48 4.30 -9.98
N LEU A 96 -5.52 4.84 -10.74
CA LEU A 96 -4.29 5.34 -10.16
C LEU A 96 -4.51 6.74 -9.61
N LEU A 97 -4.07 6.96 -8.37
CA LEU A 97 -4.20 8.25 -7.71
C LEU A 97 -2.83 8.90 -7.55
N ALA A 98 -2.85 10.17 -7.16
CA ALA A 98 -1.61 10.91 -6.93
C ALA A 98 -0.98 10.49 -5.60
N GLU A 99 0.22 11.00 -5.35
CA GLU A 99 0.93 10.62 -4.13
C GLU A 99 0.23 11.12 -2.87
N GLU A 100 -0.55 12.20 -2.98
CA GLU A 100 -1.41 12.66 -1.90
C GLU A 100 -2.83 12.83 -2.45
N GLU A 101 -3.81 12.40 -1.66
CA GLU A 101 -5.22 12.60 -2.00
C GLU A 101 -6.00 12.94 -0.73
N ARG A 102 -6.98 13.82 -0.88
CA ARG A 102 -7.90 14.18 0.19
C ARG A 102 -9.25 13.53 -0.11
N LEU A 103 -9.71 12.68 0.79
CA LEU A 103 -10.97 11.97 0.62
C LEU A 103 -12.01 12.48 1.60
N ASP A 104 -13.27 12.41 1.19
CA ASP A 104 -14.42 12.64 2.07
C ASP A 104 -15.01 11.27 2.35
N LEU A 105 -14.84 10.80 3.59
CA LEU A 105 -15.33 9.48 4.00
C LEU A 105 -16.43 9.71 5.02
N TYR A 106 -17.69 9.64 4.56
CA TYR A 106 -18.87 9.77 5.40
C TYR A 106 -18.82 11.05 6.23
N GLY A 107 -18.29 12.12 5.62
CA GLY A 107 -18.28 13.44 6.22
C GLY A 107 -16.91 13.92 6.67
N ARG A 108 -16.04 13.00 7.07
CA ARG A 108 -14.73 13.39 7.60
C ARG A 108 -13.71 13.45 6.47
N GLU A 109 -12.92 14.53 6.47
CA GLU A 109 -11.88 14.70 5.47
C GLU A 109 -10.64 13.92 5.87
N VAL A 110 -10.17 13.06 4.98
CA VAL A 110 -9.05 12.17 5.27
C VAL A 110 -8.00 12.31 4.18
N LEU A 111 -6.75 12.50 4.60
CA LEU A 111 -5.62 12.54 3.69
C LEU A 111 -5.00 11.15 3.63
N ILE A 112 -4.67 10.70 2.42
CA ILE A 112 -4.05 9.39 2.22
C ILE A 112 -2.78 9.55 1.40
N MET A 113 -1.79 8.73 1.72
CA MET A 113 -0.51 8.66 1.00
C MET A 113 0.16 7.36 1.39
N HIS A 114 1.25 7.03 0.69
CA HIS A 114 2.02 5.86 1.07
C HIS A 114 2.76 6.10 2.38
N GLY A 115 3.29 7.31 2.56
CA GLY A 115 3.97 7.68 3.79
C GLY A 115 5.46 7.90 3.64
N ASP A 116 6.07 7.50 2.53
CA ASP A 116 7.52 7.61 2.42
C ASP A 116 7.96 9.07 2.29
N THR A 117 7.10 9.95 1.77
CA THR A 117 7.47 11.36 1.67
C THR A 117 7.48 12.06 3.03
N LEU A 118 7.06 11.39 4.09
CA LEU A 118 7.12 11.93 5.44
C LEU A 118 8.44 11.64 6.13
N CYS A 119 9.26 10.75 5.58
CA CYS A 119 10.55 10.38 6.18
C CYS A 119 11.66 11.30 5.69
N THR A 120 11.51 12.58 6.01
CA THR A 120 12.42 13.62 5.55
C THR A 120 13.77 13.60 6.25
N ASP A 121 13.98 12.70 7.22
CA ASP A 121 15.27 12.59 7.89
C ASP A 121 16.19 11.57 7.22
N ASP A 122 15.66 10.71 6.35
CA ASP A 122 16.47 9.73 5.63
C ASP A 122 16.91 10.36 4.31
N GLN A 123 18.00 11.13 4.37
CA GLN A 123 18.49 11.82 3.19
C GLN A 123 18.97 10.84 2.13
N GLY A 124 19.46 9.67 2.54
CA GLY A 124 19.88 8.67 1.57
C GLY A 124 18.72 8.13 0.76
N TYR A 125 17.61 7.82 1.42
CA TYR A 125 16.43 7.36 0.70
C TYR A 125 15.85 8.47 -0.18
N LEU A 126 15.79 9.69 0.33
CA LEU A 126 15.19 10.78 -0.42
C LEU A 126 15.97 11.06 -1.69
N ALA A 127 17.29 10.85 -1.68
CA ALA A 127 18.08 10.98 -2.90
C ALA A 127 17.72 9.89 -3.90
N PHE A 128 17.55 8.65 -3.41
CA PHE A 128 17.10 7.56 -4.29
C PHE A 128 15.72 7.84 -4.85
N ARG A 129 14.81 8.35 -4.01
CA ARG A 129 13.45 8.62 -4.47
C ARG A 129 13.43 9.71 -5.54
N ALA A 130 14.17 10.80 -5.32
CA ALA A 130 14.25 11.84 -6.33
C ALA A 130 14.84 11.31 -7.63
N LYS A 131 15.74 10.33 -7.54
CA LYS A 131 16.34 9.77 -8.74
C LYS A 131 15.32 8.98 -9.55
N VAL A 132 14.72 7.96 -8.94
CA VAL A 132 13.82 7.07 -9.68
C VAL A 132 12.46 7.70 -9.98
N HIS A 133 12.19 8.89 -9.47
CA HIS A 133 10.96 9.61 -9.80
C HIS A 133 11.19 10.67 -10.87
N THR A 134 12.42 10.87 -11.30
CA THR A 134 12.70 11.79 -12.40
C THR A 134 12.12 11.20 -13.69
N PRO A 135 11.26 11.93 -14.41
CA PRO A 135 10.57 11.32 -15.55
C PRO A 135 11.50 10.80 -16.65
N TRP A 136 12.58 11.53 -16.98
CA TRP A 136 13.45 11.03 -18.04
C TRP A 136 14.21 9.78 -17.60
N ILE A 137 14.48 9.64 -16.30
CA ILE A 137 15.11 8.43 -15.79
C ILE A 137 14.14 7.26 -15.85
N GLN A 138 12.87 7.49 -15.52
CA GLN A 138 11.88 6.43 -15.62
C GLN A 138 11.72 5.97 -17.07
N ARG A 139 11.62 6.92 -18.00
CA ARG A 139 11.45 6.55 -19.41
C ARG A 139 12.67 5.80 -19.94
N LEU A 140 13.87 6.19 -19.51
CA LEU A 140 15.07 5.50 -19.93
C LEU A 140 15.10 4.07 -19.39
N PHE A 141 14.73 3.89 -18.12
CA PHE A 141 14.76 2.55 -17.54
C PHE A 141 13.73 1.64 -18.20
N LEU A 142 12.52 2.16 -18.43
CA LEU A 142 11.45 1.36 -19.01
C LEU A 142 11.71 1.00 -20.46
N ALA A 143 12.57 1.76 -21.16
CA ALA A 143 12.91 1.44 -22.53
C ALA A 143 13.93 0.31 -22.63
N LEU A 144 14.61 -0.01 -21.55
CA LEU A 144 15.59 -1.09 -21.58
C LEU A 144 14.89 -2.44 -21.78
N PRO A 145 15.59 -3.41 -22.38
CA PRO A 145 14.99 -4.74 -22.51
C PRO A 145 14.63 -5.32 -21.15
N LEU A 146 13.60 -6.17 -21.15
CA LEU A 146 13.09 -6.73 -19.91
C LEU A 146 14.18 -7.46 -19.13
N PHE A 147 14.98 -8.29 -19.82
CA PHE A 147 16.02 -9.01 -19.10
C PHE A 147 17.07 -8.09 -18.52
N ILE A 148 17.28 -6.92 -19.12
CA ILE A 148 18.22 -5.96 -18.54
C ILE A 148 17.63 -5.30 -17.30
N ARG A 149 16.35 -4.92 -17.36
CA ARG A 149 15.68 -4.36 -16.19
C ARG A 149 15.68 -5.35 -15.02
N HIS A 150 15.45 -6.63 -15.32
CA HIS A 150 15.46 -7.65 -14.27
C HIS A 150 16.82 -7.69 -13.55
N ARG A 151 17.90 -7.75 -14.33
CA ARG A 151 19.23 -7.81 -13.73
C ARG A 151 19.55 -6.53 -12.95
N ILE A 152 19.13 -5.37 -13.45
CA ILE A 152 19.33 -4.11 -12.73
C ILE A 152 18.61 -4.16 -11.38
N ALA A 153 17.33 -4.54 -11.41
CA ALA A 153 16.54 -4.56 -10.18
C ALA A 153 17.06 -5.57 -9.18
N ALA A 154 17.44 -6.76 -9.65
CA ALA A 154 17.98 -7.77 -8.76
C ALA A 154 19.27 -7.28 -8.09
N ARG A 155 20.12 -6.59 -8.84
CA ARG A 155 21.36 -6.08 -8.26
C ARG A 155 21.08 -4.93 -7.30
N MET A 156 20.17 -4.01 -7.68
CA MET A 156 19.87 -2.88 -6.81
C MET A 156 19.22 -3.33 -5.51
N ARG A 157 18.44 -4.41 -5.54
CA ARG A 157 17.86 -4.94 -4.30
C ARG A 157 18.93 -5.51 -3.40
N ALA A 158 19.87 -6.27 -3.96
CA ALA A 158 20.97 -6.79 -3.16
C ALA A 158 21.86 -5.68 -2.64
N ASP A 159 22.03 -4.60 -3.41
CA ASP A 159 22.81 -3.47 -2.92
C ASP A 159 22.13 -2.81 -1.72
N SER A 160 20.80 -2.78 -1.72
N SER A 160 20.80 -2.79 -1.72
CA SER A 160 20.07 -2.17 -0.62
CA SER A 160 20.08 -2.16 -0.61
C SER A 160 20.08 -3.05 0.63
C SER A 160 20.05 -3.05 0.62
N LYS A 161 20.12 -4.37 0.45
CA LYS A 161 20.17 -5.28 1.58
C LYS A 161 21.54 -5.31 2.26
N ALA A 162 22.56 -4.74 1.62
CA ALA A 162 23.89 -4.71 2.21
C ALA A 162 24.21 -3.33 2.79
N ILE A 171 13.47 0.50 8.36
CA ILE A 171 12.76 1.62 7.75
C ILE A 171 12.71 2.80 8.72
N MET A 172 13.15 3.96 8.26
CA MET A 172 13.13 5.16 9.09
C MET A 172 11.69 5.63 9.29
N ASP A 173 11.40 6.10 10.50
CA ASP A 173 10.06 6.57 10.83
C ASP A 173 9.83 7.97 10.26
N VAL A 174 8.61 8.47 10.43
CA VAL A 174 8.22 9.74 9.84
C VAL A 174 8.75 10.89 10.67
N ASN A 175 8.85 12.07 10.03
CA ASN A 175 9.21 13.31 10.68
C ASN A 175 7.96 13.98 11.24
N PRO A 176 7.93 14.29 12.54
CA PRO A 176 6.69 14.83 13.13
C PRO A 176 6.21 16.12 12.50
N GLN A 177 7.12 17.00 12.09
CA GLN A 177 6.71 18.26 11.50
C GLN A 177 6.19 18.07 10.07
N ALA A 178 6.73 17.09 9.35
CA ALA A 178 6.21 16.81 8.01
C ALA A 178 4.76 16.32 8.08
N VAL A 179 4.44 15.54 9.11
CA VAL A 179 3.05 15.12 9.32
C VAL A 179 2.14 16.33 9.51
N VAL A 180 2.53 17.23 10.43
CA VAL A 180 1.73 18.43 10.68
C VAL A 180 1.60 19.26 9.41
N ASP A 181 2.72 19.45 8.70
CA ASP A 181 2.68 20.25 7.48
C ASP A 181 1.73 19.66 6.45
N ALA A 182 1.75 18.33 6.29
CA ALA A 182 0.88 17.69 5.30
C ALA A 182 -0.59 17.81 5.71
N MET A 183 -0.89 17.58 6.99
CA MET A 183 -2.27 17.66 7.45
C MET A 183 -2.80 19.08 7.47
N GLU A 184 -1.93 20.08 7.60
CA GLU A 184 -2.35 21.47 7.52
C GLU A 184 -2.39 21.99 6.09
N ARG A 185 -1.53 21.46 5.22
CA ARG A 185 -1.61 21.79 3.80
C ARG A 185 -2.96 21.38 3.23
N HIS A 186 -3.48 20.22 3.66
CA HIS A 186 -4.76 19.72 3.20
C HIS A 186 -5.91 20.04 4.15
N HIS A 187 -5.61 20.63 5.32
CA HIS A 187 -6.62 21.03 6.30
C HIS A 187 -7.49 19.85 6.71
N VAL A 188 -6.84 18.78 7.15
CA VAL A 188 -7.53 17.57 7.59
C VAL A 188 -7.16 17.28 9.04
N GLN A 189 -8.02 16.50 9.69
CA GLN A 189 -7.74 15.99 11.03
C GLN A 189 -7.46 14.49 11.03
N TRP A 190 -7.49 13.84 9.87
CA TRP A 190 -7.24 12.41 9.75
C TRP A 190 -6.25 12.15 8.63
N LEU A 191 -5.33 11.22 8.87
CA LEU A 191 -4.33 10.83 7.88
C LEU A 191 -4.13 9.33 7.98
N ILE A 192 -4.15 8.66 6.83
CA ILE A 192 -3.87 7.23 6.73
C ILE A 192 -2.69 7.04 5.80
N HIS A 193 -1.71 6.26 6.24
CA HIS A 193 -0.56 5.95 5.39
C HIS A 193 0.01 4.60 5.82
N GLY A 194 1.03 4.15 5.09
CA GLY A 194 1.72 2.93 5.42
C GLY A 194 3.23 3.15 5.45
N HIS A 195 3.95 2.34 4.67
CA HIS A 195 5.40 2.45 4.46
C HIS A 195 6.23 2.09 5.70
N THR A 196 5.88 2.64 6.86
CA THR A 196 6.72 2.46 8.04
C THR A 196 6.55 1.09 8.70
N HIS A 197 5.51 0.34 8.33
CA HIS A 197 5.27 -1.00 8.89
C HIS A 197 5.10 -0.98 10.40
N ARG A 198 4.62 0.15 10.94
CA ARG A 198 4.38 0.29 12.39
C ARG A 198 2.90 0.65 12.59
N PRO A 199 2.01 -0.34 12.55
CA PRO A 199 0.58 -0.03 12.67
C PRO A 199 0.26 0.60 14.01
N ALA A 200 -0.43 1.74 13.97
CA ALA A 200 -0.64 2.56 15.16
C ALA A 200 -1.67 3.64 14.83
N VAL A 201 -2.14 4.30 15.89
CA VAL A 201 -2.99 5.48 15.79
C VAL A 201 -2.31 6.56 16.64
N HIS A 202 -1.77 7.58 15.99
CA HIS A 202 -1.06 8.66 16.67
C HIS A 202 -1.95 9.88 16.76
N GLU A 203 -2.12 10.40 17.98
CA GLU A 203 -2.84 11.65 18.18
C GLU A 203 -1.86 12.81 18.16
N LEU A 204 -2.29 13.91 17.54
CA LEU A 204 -1.46 15.11 17.42
C LEU A 204 -2.40 16.31 17.31
N GLN A 205 -1.85 17.45 16.94
CA GLN A 205 -2.63 18.66 16.71
C GLN A 205 -2.30 19.22 15.35
N ALA A 206 -3.33 19.56 14.58
CA ALA A 206 -3.17 20.16 13.27
C ALA A 206 -4.33 21.12 13.05
N ASN A 207 -4.03 22.28 12.48
CA ASN A 207 -5.01 23.34 12.28
C ASN A 207 -5.65 23.78 13.60
N GLY A 208 -4.89 23.74 14.68
CA GLY A 208 -5.40 24.14 15.98
C GLY A 208 -6.48 23.24 16.54
N GLN A 209 -6.48 21.97 16.16
CA GLN A 209 -7.48 21.02 16.61
C GLN A 209 -6.83 19.65 16.70
N PRO A 210 -7.39 18.73 17.49
CA PRO A 210 -6.83 17.38 17.56
C PRO A 210 -6.89 16.68 16.21
N ALA A 211 -5.83 15.94 15.89
CA ALA A 211 -5.74 15.20 14.64
C ALA A 211 -5.15 13.81 14.93
N TRP A 212 -5.36 12.89 13.99
CA TRP A 212 -4.92 11.52 14.16
C TRP A 212 -4.24 11.00 12.90
N ARG A 213 -3.13 10.31 13.10
CA ARG A 213 -2.37 9.66 12.04
C ARG A 213 -2.49 8.15 12.22
N VAL A 214 -3.14 7.49 11.27
CA VAL A 214 -3.38 6.05 11.32
C VAL A 214 -2.41 5.37 10.38
N VAL A 215 -1.68 4.38 10.88
CA VAL A 215 -0.61 3.72 10.14
C VAL A 215 -1.00 2.28 9.90
N LEU A 216 -0.87 1.82 8.65
CA LEU A 216 -1.17 0.45 8.29
C LEU A 216 0.03 -0.45 8.58
N GLY A 217 -0.27 -1.75 8.69
CA GLY A 217 0.76 -2.75 8.90
C GLY A 217 1.15 -3.45 7.62
N ALA A 218 2.37 -3.97 7.60
CA ALA A 218 2.82 -4.80 6.50
C ALA A 218 2.31 -6.22 6.67
N TRP A 219 2.10 -6.89 5.54
CA TRP A 219 1.61 -8.28 5.54
C TRP A 219 2.80 -9.22 5.63
N HIS A 220 3.33 -9.35 6.85
CA HIS A 220 4.45 -10.25 7.09
C HIS A 220 3.96 -11.62 7.54
N SER A 221 3.26 -11.67 8.67
N SER A 221 3.26 -11.68 8.67
CA SER A 221 2.71 -12.90 9.22
CA SER A 221 2.70 -12.92 9.16
C SER A 221 1.19 -12.95 9.13
C SER A 221 1.18 -12.96 9.11
N GLU A 222 0.51 -11.81 9.09
CA GLU A 222 -0.94 -11.75 9.06
C GLU A 222 -1.36 -10.50 8.30
N GLY A 223 -2.64 -10.44 7.94
CA GLY A 223 -3.16 -9.30 7.23
C GLY A 223 -3.44 -8.11 8.12
N SER A 224 -3.56 -6.95 7.49
CA SER A 224 -3.82 -5.70 8.18
C SER A 224 -4.64 -4.80 7.28
N MET A 225 -5.60 -4.09 7.86
CA MET A 225 -6.41 -3.15 7.10
C MET A 225 -6.93 -2.06 8.02
N VAL A 226 -7.25 -0.92 7.42
CA VAL A 226 -8.00 0.14 8.09
C VAL A 226 -9.39 0.17 7.48
N LYS A 227 -10.40 0.12 8.33
CA LYS A 227 -11.80 0.18 7.93
C LYS A 227 -12.38 1.48 8.46
N VAL A 228 -12.87 2.33 7.57
CA VAL A 228 -13.49 3.60 7.95
C VAL A 228 -14.99 3.46 7.75
N THR A 229 -15.75 3.71 8.81
CA THR A 229 -17.21 3.69 8.75
C THR A 229 -17.71 5.10 9.07
N PRO A 230 -19.01 5.38 8.91
CA PRO A 230 -19.53 6.67 9.39
C PRO A 230 -19.34 6.88 10.88
N ASP A 231 -19.15 5.81 11.66
CA ASP A 231 -19.12 5.91 13.12
C ASP A 231 -17.73 5.86 13.72
N ASP A 232 -16.75 5.26 13.06
CA ASP A 232 -15.45 5.06 13.71
C ASP A 232 -14.38 4.80 12.65
N VAL A 233 -13.15 4.68 13.13
CA VAL A 233 -12.00 4.26 12.33
C VAL A 233 -11.40 3.03 13.01
N GLU A 234 -11.19 1.97 12.23
CA GLU A 234 -10.82 0.67 12.78
C GLU A 234 -9.52 0.19 12.15
N LEU A 235 -8.53 -0.11 13.00
CA LEU A 235 -7.30 -0.77 12.59
C LEU A 235 -7.44 -2.25 12.94
N ILE A 236 -7.41 -3.12 11.93
CA ILE A 236 -7.84 -4.50 12.06
C ILE A 236 -6.74 -5.43 11.59
N HIS A 237 -6.37 -6.40 12.42
CA HIS A 237 -5.45 -7.46 12.05
C HIS A 237 -6.18 -8.79 11.96
N PHE A 238 -5.88 -9.56 10.91
CA PHE A 238 -6.60 -10.78 10.61
C PHE A 238 -5.63 -11.77 9.99
N PRO A 239 -5.90 -13.07 10.09
CA PRO A 239 -5.00 -14.06 9.50
C PRO A 239 -5.17 -14.16 7.99
N PHE A 240 -4.13 -14.66 7.33
CA PHE A 240 -4.16 -14.85 5.88
C PHE A 240 -5.26 -15.83 5.48
N LEU A 241 -5.20 -17.05 6.02
CA LEU A 241 -6.07 -18.14 5.63
C LEU A 241 -7.11 -18.40 6.72
N GLU A 242 -8.13 -19.17 6.36
CA GLU A 242 -9.20 -19.53 7.28
C GLU A 242 -8.67 -20.53 8.29
N GLU A 243 -8.37 -20.06 9.50
CA GLU A 243 -7.89 -20.93 10.56
C GLU A 243 -9.00 -21.83 11.07
N ASN A 244 -9.17 -22.99 10.44
CA ASN A 244 -10.21 -23.93 10.86
C ASN A 244 -9.96 -24.38 12.29
N LEU A 245 -10.91 -24.08 13.16
CA LEU A 245 -10.76 -24.41 14.57
C LEU A 245 -10.86 -25.92 14.77
N TYR A 246 -9.96 -26.47 15.58
CA TYR A 246 -10.04 -27.83 16.05
C TYR A 246 -9.87 -27.81 17.56
N PHE A 247 -10.15 -28.95 18.19
CA PHE A 247 -10.07 -29.07 19.65
C PHE A 247 -8.97 -30.03 20.05
N GLN A 248 -8.24 -29.67 21.10
CA GLN A 248 -7.28 -30.55 21.75
C GLN A 248 -7.77 -30.81 23.17
N SER A 249 -7.81 -32.08 23.57
CA SER A 249 -8.41 -32.45 24.84
C SER A 249 -7.56 -32.01 26.02
N HIS A 250 -7.49 -30.71 26.29
CA HIS A 250 -6.87 -30.23 27.52
C HIS A 250 -7.60 -30.78 28.74
N HIS A 251 -6.89 -30.83 29.86
CA HIS A 251 -7.41 -31.46 31.06
C HIS A 251 -7.37 -30.50 32.25
N HIS A 252 -8.40 -30.55 33.07
CA HIS A 252 -8.48 -29.72 34.28
C HIS A 252 -7.56 -30.25 35.36
#